data_5LYE
#
_entry.id   5LYE
#
_cell.length_a   51.257
_cell.length_b   51.257
_cell.length_c   249.491
_cell.angle_alpha   90.00
_cell.angle_beta   90.00
_cell.angle_gamma   120.00
#
_symmetry.space_group_name_H-M   'P 3 2 1'
#
loop_
_entity.id
_entity.type
_entity.pdbx_description
1 polymer Gp12
2 non-polymer 'CHLORIDE ION'
3 non-polymer 'SULFATE ION'
4 water water
#
_entity_poly.entity_id   1
_entity_poly.type   'polypeptide(L)'
_entity_poly.pdbx_seq_one_letter_code
;LSYPNATESVYGLTRYSTNDEAIAGVNNESSITPAKFTVALNNVFETRVSTESSNGVIKISSLPQALAGADDTTAMTPLK
TQQLAVKLIAQIAPSKNAATESEQGVIQLATVAQARQGTLREGYAISPYTFMNSTATEEYKGVIKLGTQSEVNSNNASVA
VTGATLNGRGSTTSMRGVVKLTTTAGSQSGGDASSALAWNADVIHQRGGQTINGTLRINNTLTIASGGANITGTVNMTGG
YIQGKRVVTQNEIDRTIPVGAIMMWAADSLPSDAWRFCHGGTVSASDCPLYASRIGTRYGGSSSNPGLPDMRSLNYIIKV
KE
;
_entity_poly.pdbx_strand_id   A
#
# COMPACT_ATOMS: atom_id res chain seq x y z
N ALA A 6 -21.81 122.71 -70.85
CA ALA A 6 -20.83 122.51 -69.75
C ALA A 6 -19.70 121.54 -70.11
N THR A 7 -18.55 121.73 -69.48
CA THR A 7 -17.36 120.90 -69.67
C THR A 7 -16.69 120.68 -68.32
N GLU A 8 -15.61 119.90 -68.30
CA GLU A 8 -14.72 119.85 -67.13
C GLU A 8 -14.04 121.20 -66.90
N SER A 9 -13.65 121.85 -68.00
CA SER A 9 -12.88 123.10 -67.98
C SER A 9 -13.68 124.35 -67.60
N VAL A 10 -14.76 124.63 -68.34
CA VAL A 10 -15.55 125.86 -68.12
C VAL A 10 -17.01 125.57 -67.87
N TYR A 11 -17.68 126.57 -67.29
CA TYR A 11 -19.08 126.47 -66.88
C TYR A 11 -20.02 126.59 -68.10
N GLY A 12 -21.28 126.24 -67.89
CA GLY A 12 -22.28 126.23 -68.97
C GLY A 12 -23.48 125.39 -68.62
N LEU A 13 -24.31 125.11 -69.63
CA LEU A 13 -25.55 124.35 -69.43
C LEU A 13 -25.28 122.85 -69.29
N THR A 14 -26.14 122.16 -68.53
CA THR A 14 -26.13 120.70 -68.42
C THR A 14 -27.56 120.14 -68.31
N ARG A 15 -27.78 118.95 -68.88
CA ARG A 15 -29.01 118.18 -68.65
C ARG A 15 -28.70 117.10 -67.60
N TYR A 16 -29.74 116.37 -67.22
CA TYR A 16 -29.63 115.27 -66.27
C TYR A 16 -29.49 113.93 -66.99
N SER A 17 -28.66 113.06 -66.44
CA SER A 17 -28.48 111.72 -66.97
C SER A 17 -29.78 110.95 -66.82
N THR A 18 -30.06 110.04 -67.76
CA THR A 18 -31.19 109.11 -67.63
C THR A 18 -30.80 107.98 -66.68
N ASN A 19 -31.76 107.14 -66.31
CA ASN A 19 -31.48 105.96 -65.47
C ASN A 19 -30.47 105.05 -66.15
N ASP A 20 -30.69 104.77 -67.43
CA ASP A 20 -29.79 103.91 -68.24
C ASP A 20 -28.36 104.46 -68.30
N GLU A 21 -28.24 105.78 -68.43
CA GLU A 21 -26.93 106.45 -68.40
C GLU A 21 -26.27 106.39 -67.02
N ALA A 22 -27.08 106.54 -65.97
CA ALA A 22 -26.58 106.46 -64.59
C ALA A 22 -25.96 105.08 -64.30
N ILE A 23 -26.62 104.03 -64.78
CA ILE A 23 -26.15 102.65 -64.60
C ILE A 23 -24.93 102.38 -65.49
N ALA A 24 -25.06 102.71 -66.78
CA ALA A 24 -23.95 102.57 -67.73
C ALA A 24 -23.09 103.82 -67.63
N GLY A 25 -22.32 103.91 -66.55
CA GLY A 25 -21.63 105.14 -66.18
C GLY A 25 -20.36 105.44 -66.97
N VAL A 26 -20.54 105.72 -68.27
CA VAL A 26 -19.47 106.26 -69.12
C VAL A 26 -19.81 107.62 -69.77
N ASN A 27 -21.09 108.01 -69.82
CA ASN A 27 -21.50 109.28 -70.41
C ASN A 27 -20.91 110.47 -69.63
N ASN A 28 -20.13 111.31 -70.33
CA ASN A 28 -19.41 112.44 -69.72
C ASN A 28 -20.10 113.81 -69.96
N GLU A 29 -21.36 113.79 -70.41
CA GLU A 29 -22.03 114.97 -70.96
C GLU A 29 -23.45 115.17 -70.37
N SER A 30 -23.54 115.02 -69.04
CA SER A 30 -24.78 115.19 -68.25
C SER A 30 -24.45 115.05 -66.77
N SER A 31 -25.35 115.49 -65.88
CA SER A 31 -25.08 115.50 -64.43
C SER A 31 -26.01 114.57 -63.64
N ILE A 32 -25.54 114.15 -62.46
CA ILE A 32 -26.22 113.13 -61.65
C ILE A 32 -27.08 113.77 -60.57
N THR A 33 -28.37 113.43 -60.61
CA THR A 33 -29.32 113.89 -59.59
C THR A 33 -29.34 112.90 -58.42
N PRO A 34 -29.76 113.34 -57.21
CA PRO A 34 -29.99 112.41 -56.11
C PRO A 34 -30.72 111.11 -56.51
N ALA A 35 -31.84 111.25 -57.23
CA ALA A 35 -32.65 110.11 -57.71
C ALA A 35 -31.89 109.08 -58.54
N LYS A 36 -30.79 109.47 -59.17
CA LYS A 36 -29.99 108.57 -60.01
C LYS A 36 -28.61 108.21 -59.43
N PHE A 37 -28.23 108.88 -58.34
CA PHE A 37 -27.24 108.35 -57.42
C PHE A 37 -27.77 107.02 -56.88
N THR A 38 -29.06 107.01 -56.50
CA THR A 38 -29.70 105.87 -55.87
C THR A 38 -30.14 104.77 -56.86
N VAL A 39 -30.36 105.14 -58.12
CA VAL A 39 -30.56 104.15 -59.20
C VAL A 39 -29.23 103.49 -59.51
N ALA A 40 -28.19 104.30 -59.73
CA ALA A 40 -26.87 103.81 -60.14
C ALA A 40 -26.16 102.99 -59.08
N LEU A 41 -26.37 103.33 -57.80
CA LEU A 41 -25.82 102.55 -56.68
C LEU A 41 -26.30 101.10 -56.65
N ASN A 42 -27.54 100.86 -57.09
CA ASN A 42 -28.13 99.53 -57.04
C ASN A 42 -27.63 98.51 -58.11
N ASN A 43 -26.73 98.94 -58.99
CA ASN A 43 -25.90 98.01 -59.78
C ASN A 43 -24.57 97.66 -59.08
N VAL A 44 -24.27 98.38 -57.98
CA VAL A 44 -23.02 98.22 -57.23
C VAL A 44 -23.35 97.83 -55.78
N PHE A 45 -23.98 98.75 -55.04
CA PHE A 45 -24.50 98.48 -53.69
C PHE A 45 -25.55 97.37 -53.67
N GLU A 46 -26.24 97.14 -54.80
CA GLU A 46 -27.24 96.06 -54.90
C GLU A 46 -27.01 95.10 -56.09
N THR A 47 -25.74 94.91 -56.47
CA THR A 47 -25.28 93.75 -57.27
C THR A 47 -23.76 93.60 -57.10
N PRO A 128 -2.47 40.61 -22.63
CA PRO A 128 -2.26 39.52 -23.57
C PRO A 128 -0.79 39.17 -23.88
N TYR A 129 0.14 39.64 -23.05
CA TYR A 129 1.53 39.16 -23.01
C TYR A 129 1.92 39.08 -21.55
N THR A 130 1.94 40.22 -20.85
CA THR A 130 2.12 40.24 -19.38
C THR A 130 0.87 39.74 -18.60
N PHE A 131 -0.15 39.26 -19.32
CA PHE A 131 -1.14 38.34 -18.75
C PHE A 131 -0.49 36.97 -18.62
N MET A 132 -0.05 36.43 -19.75
CA MET A 132 0.47 35.08 -19.83
C MET A 132 1.93 34.98 -19.35
N ASN A 133 2.64 36.10 -19.24
CA ASN A 133 4.01 36.14 -18.69
C ASN A 133 4.08 36.63 -17.24
N SER A 134 2.94 37.02 -16.68
CA SER A 134 2.78 37.20 -15.23
C SER A 134 2.35 35.84 -14.65
N THR A 135 3.30 34.91 -14.58
CA THR A 135 3.06 33.52 -14.15
C THR A 135 3.01 33.36 -12.63
N ALA A 136 2.46 32.23 -12.18
CA ALA A 136 2.54 31.88 -10.76
C ALA A 136 4.00 31.59 -10.40
N THR A 137 4.41 32.01 -9.21
CA THR A 137 5.75 31.74 -8.68
C THR A 137 5.71 31.71 -7.15
N GLU A 138 6.88 31.42 -6.57
CA GLU A 138 7.18 31.82 -5.20
C GLU A 138 7.63 33.28 -5.35
N GLU A 139 7.21 34.14 -4.42
CA GLU A 139 7.14 35.63 -4.56
C GLU A 139 5.77 36.14 -5.06
N TYR A 140 5.38 35.78 -6.28
CA TYR A 140 4.25 36.45 -6.97
C TYR A 140 3.13 35.53 -7.46
N LYS A 141 1.89 36.04 -7.39
CA LYS A 141 0.68 35.37 -7.91
C LYS A 141 0.59 35.53 -9.43
N GLY A 142 -0.38 34.86 -10.07
CA GLY A 142 -0.50 34.97 -11.54
C GLY A 142 -1.39 34.02 -12.32
N VAL A 143 -0.78 33.23 -13.21
CA VAL A 143 -1.48 32.23 -14.03
C VAL A 143 -0.73 30.90 -14.03
N ILE A 144 -1.47 29.81 -14.23
CA ILE A 144 -0.90 28.47 -14.11
C ILE A 144 -1.45 27.47 -15.13
N LYS A 145 -0.53 26.71 -15.70
CA LYS A 145 -0.85 25.56 -16.53
C LYS A 145 -1.19 24.35 -15.59
N LEU A 146 -2.21 23.56 -15.93
CA LEU A 146 -2.46 22.26 -15.26
C LEU A 146 -1.38 21.26 -15.68
N GLY A 147 -0.71 20.63 -14.71
CA GLY A 147 0.22 19.56 -15.04
C GLY A 147 -0.51 18.38 -15.65
N THR A 148 0.07 17.79 -16.69
CA THR A 148 -0.30 16.42 -17.06
C THR A 148 0.24 15.49 -15.96
N GLN A 149 -0.27 14.24 -15.93
CA GLN A 149 0.23 13.24 -15.00
C GLN A 149 1.74 13.12 -15.12
N SER A 150 2.19 13.00 -16.36
CA SER A 150 3.61 12.89 -16.68
C SER A 150 4.47 13.99 -16.05
N GLU A 151 3.96 15.21 -16.08
CA GLU A 151 4.67 16.36 -15.50
C GLU A 151 4.61 16.32 -13.98
N VAL A 152 3.44 15.94 -13.46
CA VAL A 152 3.27 15.84 -12.00
C VAL A 152 4.28 14.83 -11.49
N ASN A 153 4.32 13.66 -12.11
CA ASN A 153 5.24 12.58 -11.66
C ASN A 153 6.71 12.91 -11.80
N SER A 154 7.05 13.75 -12.78
CA SER A 154 8.42 14.21 -13.01
C SER A 154 8.85 15.34 -12.05
N ASN A 155 7.98 15.73 -11.11
CA ASN A 155 8.34 16.75 -10.10
C ASN A 155 8.47 18.17 -10.67
N ASN A 156 7.73 18.42 -11.76
CA ASN A 156 7.70 19.73 -12.42
C ASN A 156 7.38 20.81 -11.42
N ALA A 157 8.31 21.76 -11.28
CA ALA A 157 8.21 22.84 -10.27
C ALA A 157 7.28 24.03 -10.62
N SER A 158 6.61 24.00 -11.78
CA SER A 158 5.80 25.14 -12.25
C SER A 158 4.31 24.87 -12.37
N VAL A 159 3.95 23.69 -12.89
CA VAL A 159 2.54 23.37 -13.18
C VAL A 159 1.70 23.17 -11.92
N ALA A 160 0.39 23.08 -12.12
CA ALA A 160 -0.56 22.90 -11.04
C ALA A 160 -0.95 21.42 -10.87
N VAL A 161 -1.07 21.00 -9.61
CA VAL A 161 -1.59 19.67 -9.28
C VAL A 161 -3.09 19.74 -9.10
N THR A 162 -3.82 18.85 -9.76
CA THR A 162 -5.27 18.73 -9.55
C THR A 162 -5.64 17.57 -8.65
N GLY A 163 -6.91 17.48 -8.29
CA GLY A 163 -7.44 16.27 -7.66
C GLY A 163 -7.08 15.02 -8.45
N ALA A 164 -7.17 15.09 -9.77
CA ALA A 164 -6.98 13.92 -10.61
C ALA A 164 -5.53 13.49 -10.73
N THR A 165 -4.61 14.43 -10.77
CA THR A 165 -3.20 14.10 -10.91
C THR A 165 -2.53 13.84 -9.55
N LEU A 166 -3.10 14.35 -8.46
CA LEU A 166 -2.72 13.95 -7.11
C LEU A 166 -3.09 12.45 -6.94
N ASN A 167 -4.35 12.12 -7.21
CA ASN A 167 -4.82 10.75 -7.20
C ASN A 167 -4.02 9.87 -8.15
N GLY A 168 -3.65 10.42 -9.31
CA GLY A 168 -2.97 9.64 -10.33
C GLY A 168 -1.51 9.37 -10.03
N ARG A 169 -0.89 10.16 -9.16
CA ARG A 169 0.49 9.95 -8.80
C ARG A 169 0.61 8.86 -7.66
N GLY A 170 0.32 7.61 -7.99
CA GLY A 170 0.47 6.47 -7.06
C GLY A 170 1.90 6.23 -6.63
N SER A 171 2.09 6.12 -5.32
CA SER A 171 3.40 5.71 -4.79
C SER A 171 3.93 4.44 -5.48
N THR A 172 5.23 4.37 -5.73
CA THR A 172 5.86 3.12 -6.15
C THR A 172 7.11 2.97 -5.28
N THR A 173 7.89 1.93 -5.53
CA THR A 173 9.18 1.80 -4.89
C THR A 173 10.22 2.84 -5.33
N SER A 174 10.01 3.49 -6.48
CA SER A 174 10.97 4.48 -7.01
C SER A 174 10.45 5.92 -6.97
N MET A 175 9.15 6.10 -6.73
CA MET A 175 8.58 7.44 -6.78
C MET A 175 7.65 7.67 -5.59
N ARG A 176 7.91 8.73 -4.83
CA ARG A 176 6.96 9.22 -3.80
C ARG A 176 5.61 9.50 -4.41
N GLY A 177 4.55 9.18 -3.65
CA GLY A 177 3.21 9.27 -4.12
C GLY A 177 2.17 9.02 -3.02
N VAL A 178 0.91 9.00 -3.43
CA VAL A 178 -0.23 8.76 -2.57
C VAL A 178 -0.45 7.24 -2.55
N VAL A 179 -1.08 6.76 -1.46
CA VAL A 179 -1.39 5.36 -1.28
C VAL A 179 -2.80 5.16 -0.78
N LYS A 180 -3.36 4.00 -1.07
CA LYS A 180 -4.46 3.44 -0.32
C LYS A 180 -3.87 2.63 0.85
N LEU A 181 -4.59 2.58 1.94
CA LEU A 181 -4.26 1.67 3.03
C LEU A 181 -4.85 0.25 2.82
N THR A 182 -4.09 -0.76 3.28
CA THR A 182 -4.62 -2.10 3.35
C THR A 182 -4.39 -2.62 4.80
N THR A 183 -5.40 -3.25 5.38
CA THR A 183 -5.24 -3.80 6.70
C THR A 183 -4.89 -5.29 6.64
N THR A 184 -4.80 -5.84 5.43
CA THR A 184 -4.46 -7.22 5.21
C THR A 184 -3.12 -7.32 4.53
N ALA A 185 -2.07 -7.71 5.27
CA ALA A 185 -0.76 -7.85 4.60
C ALA A 185 -0.76 -8.90 3.52
N GLY A 186 -0.13 -8.56 2.41
CA GLY A 186 -0.07 -9.42 1.24
C GLY A 186 -1.23 -9.25 0.30
N SER A 187 -2.17 -8.35 0.59
CA SER A 187 -3.24 -7.97 -0.36
C SER A 187 -3.26 -6.46 -0.63
N GLN A 188 -3.37 -6.12 -1.92
CA GLN A 188 -3.67 -4.76 -2.35
C GLN A 188 -5.08 -4.40 -1.94
N SER A 189 -5.33 -3.11 -1.80
CA SER A 189 -6.65 -2.61 -1.51
C SER A 189 -7.33 -2.27 -2.85
N GLY A 190 -8.37 -3.03 -3.20
CA GLY A 190 -9.11 -2.86 -4.45
C GLY A 190 -8.25 -2.86 -5.69
N GLY A 191 -7.34 -3.82 -5.76
CA GLY A 191 -6.44 -3.95 -6.89
C GLY A 191 -5.44 -2.83 -7.12
N ASP A 192 -5.22 -1.97 -6.13
CA ASP A 192 -4.31 -0.85 -6.30
C ASP A 192 -2.89 -1.23 -5.90
N ALA A 193 -1.97 -1.18 -6.86
CA ALA A 193 -0.55 -1.38 -6.58
C ALA A 193 0.08 -0.38 -5.58
N SER A 194 -0.53 0.79 -5.43
CA SER A 194 -0.04 1.81 -4.50
C SER A 194 -0.81 1.67 -3.18
N SER A 195 -0.67 0.50 -2.58
CA SER A 195 -1.27 0.14 -1.34
C SER A 195 -0.14 -0.02 -0.33
N ALA A 196 -0.28 0.57 0.85
CA ALA A 196 0.69 0.47 1.92
C ALA A 196 -0.02 -0.13 3.13
N LEU A 197 0.77 -0.75 4.00
CA LEU A 197 0.18 -1.37 5.22
C LEU A 197 -0.26 -0.29 6.17
N ALA A 198 -1.53 -0.38 6.58
CA ALA A 198 -2.06 0.54 7.57
C ALA A 198 -1.47 0.28 8.96
N TRP A 199 -1.57 1.29 9.80
CA TRP A 199 -1.22 1.22 11.22
C TRP A 199 -1.84 0.00 11.90
N ASN A 200 -3.03 -0.39 11.46
CA ASN A 200 -3.73 -1.55 12.04
C ASN A 200 -3.79 -2.75 11.12
N ALA A 201 -2.85 -2.89 10.18
CA ALA A 201 -2.78 -4.09 9.41
C ALA A 201 -2.43 -5.30 10.31
N ASP A 202 -2.78 -6.47 9.81
CA ASP A 202 -2.71 -7.73 10.55
C ASP A 202 -1.27 -8.33 10.66
N VAL A 203 -0.30 -7.50 10.99
CA VAL A 203 1.09 -7.91 11.08
C VAL A 203 1.42 -8.38 12.50
N ILE A 204 2.44 -9.19 12.58
CA ILE A 204 3.06 -9.55 13.84
C ILE A 204 4.14 -8.55 14.08
N HIS A 205 4.16 -8.04 15.31
CA HIS A 205 5.13 -7.02 15.73
C HIS A 205 6.10 -7.61 16.78
N GLN A 206 6.99 -6.77 17.24
CA GLN A 206 8.03 -7.14 18.15
C GLN A 206 7.65 -7.07 19.61
N ARG A 207 6.39 -6.77 19.94
CA ARG A 207 6.04 -6.54 21.34
C ARG A 207 5.34 -7.67 22.05
N GLY A 208 4.92 -8.68 21.33
CA GLY A 208 4.38 -9.87 22.01
C GLY A 208 2.89 -9.81 22.16
N GLY A 209 2.33 -10.90 22.66
CA GLY A 209 0.92 -10.97 22.98
C GLY A 209 0.02 -11.31 21.79
N GLN A 210 0.59 -11.72 20.65
CA GLN A 210 -0.19 -11.96 19.43
C GLN A 210 -0.38 -13.39 19.05
N THR A 211 -1.18 -13.62 18.03
CA THR A 211 -1.50 -14.93 17.60
C THR A 211 -1.27 -14.98 16.09
N ILE A 212 -0.61 -16.03 15.64
CA ILE A 212 -0.54 -16.40 14.21
C ILE A 212 -1.53 -17.54 14.06
N ASN A 213 -2.57 -17.32 13.25
CA ASN A 213 -3.66 -18.33 13.15
C ASN A 213 -3.36 -19.37 12.06
N GLY A 214 -2.35 -20.17 12.26
CA GLY A 214 -1.98 -21.15 11.34
C GLY A 214 -0.58 -21.62 11.71
N THR A 215 0.07 -22.19 10.72
CA THR A 215 1.36 -22.77 10.91
C THR A 215 2.39 -21.63 10.85
N LEU A 216 3.56 -21.97 11.36
CA LEU A 216 4.78 -21.16 11.20
C LEU A 216 5.97 -22.08 10.93
N ARG A 217 6.82 -21.64 10.01
CA ARG A 217 8.09 -22.33 9.74
C ARG A 217 9.23 -21.35 10.14
N ILE A 218 10.22 -21.83 10.84
CA ILE A 218 11.44 -21.03 11.11
C ILE A 218 12.60 -21.88 10.63
N ASN A 219 13.48 -21.26 9.86
CA ASN A 219 14.57 -22.00 9.23
C ASN A 219 15.85 -22.17 9.99
N ASN A 220 15.96 -21.55 11.16
CA ASN A 220 17.07 -21.73 12.07
C ASN A 220 16.54 -21.69 13.52
N THR A 221 17.45 -21.73 14.48
CA THR A 221 17.15 -21.98 15.91
C THR A 221 16.09 -21.04 16.47
N LEU A 222 15.14 -21.64 17.20
CA LEU A 222 14.21 -20.89 18.05
C LEU A 222 14.80 -20.80 19.43
N THR A 223 14.87 -19.58 19.96
CA THR A 223 15.25 -19.31 21.32
C THR A 223 14.02 -18.77 22.08
N ILE A 224 13.64 -19.45 23.12
CA ILE A 224 12.62 -18.98 24.05
C ILE A 224 13.40 -18.57 25.31
N ALA A 225 13.38 -17.28 25.59
CA ALA A 225 14.27 -16.70 26.64
C ALA A 225 13.73 -16.86 28.03
N SER A 226 12.42 -17.08 28.17
CA SER A 226 11.80 -17.36 29.41
C SER A 226 10.42 -17.89 29.13
N GLY A 227 9.89 -18.59 30.10
CA GLY A 227 8.50 -19.04 30.21
C GLY A 227 8.10 -20.28 29.44
N GLY A 228 9.08 -20.96 28.85
CA GLY A 228 8.86 -22.24 28.28
C GLY A 228 7.88 -22.26 27.12
N ALA A 229 7.21 -23.39 26.94
CA ALA A 229 6.31 -23.62 25.81
C ALA A 229 5.21 -24.53 26.27
N ASN A 230 3.99 -24.25 25.90
CA ASN A 230 2.85 -25.13 26.13
C ASN A 230 2.32 -25.57 24.79
N ILE A 231 2.52 -26.83 24.48
CA ILE A 231 2.40 -27.34 23.13
C ILE A 231 1.29 -28.38 23.11
N THR A 232 0.24 -28.09 22.33
CA THR A 232 -0.84 -29.06 22.09
C THR A 232 -0.45 -29.78 20.81
N GLY A 233 -0.36 -31.08 20.89
CA GLY A 233 0.07 -31.94 19.82
C GLY A 233 1.46 -32.51 20.06
N THR A 234 1.95 -33.30 19.11
CA THR A 234 3.19 -34.05 19.29
C THR A 234 4.40 -33.22 18.89
N VAL A 235 5.46 -33.26 19.70
CA VAL A 235 6.78 -32.72 19.39
C VAL A 235 7.63 -33.86 18.85
N ASN A 236 8.09 -33.74 17.59
CA ASN A 236 9.15 -34.58 17.04
C ASN A 236 10.42 -33.77 17.05
N MET A 237 11.51 -34.37 17.52
CA MET A 237 12.78 -33.64 17.57
C MET A 237 13.89 -34.58 17.22
N THR A 238 14.97 -34.05 16.68
CA THR A 238 16.18 -34.83 16.40
C THR A 238 16.91 -35.23 17.64
N GLY A 239 16.87 -34.38 18.66
CA GLY A 239 17.59 -34.56 19.90
C GLY A 239 16.84 -33.81 21.02
N GLY A 240 17.00 -34.25 22.24
CA GLY A 240 16.42 -33.61 23.39
C GLY A 240 17.23 -33.74 24.62
N TYR A 241 17.36 -32.62 25.34
CA TYR A 241 18.08 -32.52 26.59
C TYR A 241 17.27 -31.67 27.56
N ILE A 242 17.26 -32.04 28.83
CA ILE A 242 16.70 -31.22 29.89
C ILE A 242 17.89 -30.91 30.85
N GLN A 243 18.19 -29.63 31.02
CA GLN A 243 19.31 -29.18 31.85
C GLN A 243 20.55 -29.97 31.50
N GLY A 244 20.80 -30.16 30.22
CA GLY A 244 22.06 -30.74 29.75
C GLY A 244 22.07 -32.29 29.82
N LYS A 245 20.97 -32.91 30.24
CA LYS A 245 20.89 -34.39 30.28
C LYS A 245 19.99 -34.95 29.21
N ARG A 246 20.45 -36.03 28.58
CA ARG A 246 19.81 -36.56 27.40
C ARG A 246 18.45 -37.17 27.78
N VAL A 247 17.41 -36.86 27.02
CA VAL A 247 16.10 -37.46 27.21
C VAL A 247 16.09 -38.92 26.76
N VAL A 248 15.47 -39.79 27.59
CA VAL A 248 15.39 -41.21 27.35
C VAL A 248 14.19 -41.53 26.48
N THR A 249 14.35 -42.48 25.55
CA THR A 249 13.28 -42.92 24.70
C THR A 249 13.05 -44.42 24.90
N GLN A 250 11.87 -44.87 24.47
CA GLN A 250 11.32 -46.19 24.79
C GLN A 250 12.20 -47.34 24.35
N ASN A 251 12.85 -47.19 23.22
CA ASN A 251 13.79 -48.19 22.73
C ASN A 251 14.93 -48.43 23.70
N GLU A 252 15.14 -47.57 24.70
CA GLU A 252 16.19 -47.78 25.68
C GLU A 252 15.83 -48.67 26.86
N ILE A 253 14.53 -48.89 27.04
CA ILE A 253 14.03 -49.64 28.17
C ILE A 253 14.59 -51.02 28.19
N ASP A 254 14.60 -51.68 27.03
CA ASP A 254 15.13 -53.04 26.99
C ASP A 254 16.60 -53.19 27.34
N ARG A 255 17.40 -52.21 26.98
CA ARG A 255 18.80 -52.20 27.41
C ARG A 255 18.93 -52.18 28.94
N THR A 256 18.16 -51.37 29.62
CA THR A 256 18.26 -51.30 31.06
C THR A 256 17.78 -52.56 31.73
N ILE A 257 16.59 -53.02 31.37
CA ILE A 257 16.13 -54.28 31.91
C ILE A 257 15.48 -55.09 30.79
N PRO A 258 16.19 -56.06 30.25
CA PRO A 258 15.68 -56.74 29.07
C PRO A 258 14.60 -57.79 29.39
N VAL A 259 13.64 -57.88 28.45
CA VAL A 259 12.69 -59.02 28.49
C VAL A 259 13.48 -60.31 28.55
N GLY A 260 13.11 -61.18 29.50
CA GLY A 260 13.89 -62.33 29.81
C GLY A 260 14.56 -62.26 31.17
N ALA A 261 14.63 -61.08 31.78
CA ALA A 261 15.26 -60.97 33.10
C ALA A 261 14.40 -61.62 34.20
N ILE A 262 15.05 -62.18 35.19
CA ILE A 262 14.40 -62.78 36.33
C ILE A 262 14.92 -62.10 37.59
N MET A 263 14.00 -61.70 38.45
CA MET A 263 14.35 -61.24 39.80
C MET A 263 13.40 -61.83 40.83
N MET A 264 13.47 -61.37 42.05
CA MET A 264 12.52 -61.75 43.07
C MET A 264 11.57 -60.62 43.39
N TRP A 265 10.55 -60.95 44.18
CA TRP A 265 9.45 -60.03 44.41
C TRP A 265 8.93 -60.25 45.82
N ALA A 266 8.70 -59.14 46.49
CA ALA A 266 8.40 -59.12 47.92
C ALA A 266 6.92 -58.98 48.23
N ALA A 267 6.07 -58.76 47.24
CA ALA A 267 4.66 -58.40 47.51
C ALA A 267 3.75 -59.52 47.02
N ASP A 268 2.47 -59.35 47.21
CA ASP A 268 1.58 -60.48 46.96
C ASP A 268 1.01 -60.45 45.55
N SER A 269 1.06 -59.27 44.92
CA SER A 269 0.46 -59.04 43.61
C SER A 269 1.39 -58.11 42.80
N LEU A 270 1.24 -58.18 41.50
CA LEU A 270 2.15 -57.43 40.58
C LEU A 270 1.39 -56.22 40.07
N PRO A 271 2.04 -55.08 40.01
CA PRO A 271 1.33 -53.89 39.57
C PRO A 271 1.24 -53.73 38.04
N SER A 272 2.01 -54.51 37.26
CA SER A 272 1.94 -54.45 35.79
C SER A 272 2.15 -55.77 35.17
N ASP A 273 1.66 -55.92 33.95
CA ASP A 273 1.80 -57.15 33.19
C ASP A 273 3.12 -57.20 32.40
N ALA A 274 4.06 -56.27 32.68
CA ALA A 274 5.42 -56.39 32.12
C ALA A 274 6.15 -57.57 32.79
N TRP A 275 5.72 -57.91 34.01
CA TRP A 275 6.32 -58.99 34.78
C TRP A 275 5.28 -60.06 35.10
N ARG A 276 5.72 -61.29 35.21
CA ARG A 276 4.88 -62.41 35.62
C ARG A 276 5.60 -63.27 36.63
N PHE A 277 4.83 -63.90 37.49
CA PHE A 277 5.41 -64.88 38.34
C PHE A 277 5.98 -66.03 37.58
N CYS A 278 7.11 -66.58 38.04
CA CYS A 278 7.74 -67.77 37.46
C CYS A 278 7.09 -69.02 38.11
N HIS A 279 5.82 -69.18 37.86
CA HIS A 279 5.03 -70.32 38.42
C HIS A 279 4.50 -71.25 37.29
N GLY A 280 5.30 -71.43 36.23
CA GLY A 280 4.92 -72.18 35.02
C GLY A 280 3.75 -71.59 34.27
N GLY A 281 3.03 -72.36 33.51
CA GLY A 281 2.02 -71.69 32.68
C GLY A 281 2.74 -70.99 31.51
N THR A 282 2.00 -70.17 30.79
CA THR A 282 2.43 -69.68 29.51
C THR A 282 2.06 -68.26 29.43
N VAL A 283 2.64 -67.57 28.47
CA VAL A 283 2.14 -66.28 28.00
C VAL A 283 1.77 -66.40 26.56
N SER A 284 1.04 -65.43 26.10
CA SER A 284 0.66 -65.35 24.70
C SER A 284 1.78 -64.71 23.91
N ALA A 285 2.21 -65.39 22.84
CA ALA A 285 3.17 -64.74 21.91
C ALA A 285 2.74 -63.42 21.33
N SER A 286 1.42 -63.18 21.13
CA SER A 286 0.97 -61.91 20.59
C SER A 286 0.98 -60.80 21.66
N ASP A 287 0.71 -61.14 22.90
CA ASP A 287 0.81 -60.22 24.05
C ASP A 287 2.33 -59.93 24.29
N CYS A 288 3.16 -60.97 24.14
CA CYS A 288 4.61 -60.95 24.49
C CYS A 288 5.54 -61.38 23.35
N PRO A 289 5.64 -60.53 22.28
CA PRO A 289 6.33 -60.97 21.06
C PRO A 289 7.81 -61.06 21.26
N LEU A 290 8.35 -60.23 22.16
CA LEU A 290 9.81 -60.27 22.41
C LEU A 290 10.21 -61.49 23.26
N TYR A 291 9.39 -61.80 24.26
CA TYR A 291 9.58 -63.02 25.03
C TYR A 291 9.50 -64.23 24.03
N ALA A 292 8.51 -64.27 23.18
CA ALA A 292 8.33 -65.42 22.29
C ALA A 292 9.57 -65.60 21.37
N SER A 293 10.06 -64.50 20.82
CA SER A 293 11.23 -64.56 19.93
C SER A 293 12.52 -64.90 20.67
N ARG A 294 12.68 -64.42 21.90
CA ARG A 294 13.93 -64.56 22.60
C ARG A 294 14.00 -65.87 23.31
N ILE A 295 12.86 -66.34 23.87
CA ILE A 295 12.81 -67.50 24.69
C ILE A 295 12.17 -68.74 24.02
N GLY A 296 11.25 -68.49 23.10
CA GLY A 296 10.51 -69.61 22.46
C GLY A 296 9.94 -70.59 23.47
N THR A 297 10.06 -71.85 23.13
CA THR A 297 9.53 -72.94 23.93
C THR A 297 10.55 -73.59 24.84
N ARG A 298 11.63 -72.87 25.14
CA ARG A 298 12.62 -73.23 26.17
C ARG A 298 12.02 -73.79 27.44
N TYR A 299 10.91 -73.20 27.90
CA TYR A 299 10.27 -73.66 29.16
C TYR A 299 8.95 -74.38 28.91
N GLY A 300 8.79 -74.99 27.74
CA GLY A 300 7.54 -75.63 27.38
C GLY A 300 6.57 -74.76 26.61
N GLY A 301 5.30 -75.21 26.57
CA GLY A 301 4.28 -74.53 25.81
C GLY A 301 4.47 -74.66 24.28
N SER A 302 3.97 -73.69 23.56
CA SER A 302 4.02 -73.72 22.11
C SER A 302 4.50 -72.43 21.60
N SER A 303 4.68 -72.33 20.27
CA SER A 303 5.13 -71.08 19.72
C SER A 303 4.15 -69.91 19.94
N SER A 304 2.84 -70.17 19.80
CA SER A 304 1.83 -69.19 20.16
C SER A 304 1.67 -68.84 21.64
N ASN A 305 1.96 -69.83 22.46
CA ASN A 305 1.82 -69.83 23.96
C ASN A 305 3.04 -70.40 24.67
N PRO A 306 4.18 -69.67 24.56
CA PRO A 306 5.38 -70.12 25.18
C PRO A 306 5.29 -70.20 26.70
N GLY A 307 5.97 -71.20 27.25
CA GLY A 307 5.99 -71.49 28.66
C GLY A 307 6.88 -70.48 29.44
N LEU A 308 6.46 -70.23 30.67
CA LEU A 308 7.26 -69.52 31.67
C LEU A 308 7.95 -70.47 32.57
N PRO A 309 9.12 -70.08 33.10
CA PRO A 309 9.78 -70.94 34.04
C PRO A 309 8.94 -71.19 35.29
N ASP A 310 9.15 -72.33 35.91
CA ASP A 310 8.47 -72.69 37.16
C ASP A 310 9.54 -72.76 38.18
N MET A 311 9.64 -71.76 39.06
CA MET A 311 10.80 -71.72 39.99
C MET A 311 10.35 -71.90 41.45
N ARG A 312 9.34 -72.72 41.66
CA ARG A 312 8.80 -72.93 43.01
C ARG A 312 9.46 -74.09 43.73
N LEU A 314 8.82 -65.34 49.52
CA LEU A 314 9.21 -64.54 48.31
C LEU A 314 8.90 -65.37 47.06
N ASN A 315 8.81 -64.73 45.90
CA ASN A 315 8.62 -65.42 44.65
C ASN A 315 9.63 -64.90 43.62
N TYR A 316 9.86 -65.71 42.60
CA TYR A 316 10.56 -65.24 41.41
C TYR A 316 9.57 -64.64 40.40
N ILE A 317 10.05 -63.61 39.67
CA ILE A 317 9.30 -62.96 38.63
C ILE A 317 10.19 -62.82 37.37
N ILE A 318 9.57 -62.82 36.24
CA ILE A 318 10.25 -62.69 34.99
C ILE A 318 9.65 -61.59 34.13
N LYS A 319 10.53 -60.84 33.45
CA LYS A 319 10.09 -59.71 32.65
C LYS A 319 9.70 -60.29 31.29
N VAL A 320 8.42 -60.13 30.97
CA VAL A 320 7.83 -60.75 29.74
C VAL A 320 7.50 -59.79 28.64
N LYS A 321 7.32 -58.51 28.94
CA LYS A 321 7.06 -57.57 27.91
C LYS A 321 7.47 -56.20 28.36
N GLU A 322 7.63 -55.33 27.36
CA GLU A 322 7.93 -53.93 27.61
C GLU A 322 6.71 -53.18 28.16
#